data_4XQQ
#
_entry.id   4XQQ
#
_cell.length_a   79.020
_cell.length_b   145.600
_cell.length_c   62.100
_cell.angle_alpha   90.00
_cell.angle_beta   93.09
_cell.angle_gamma   90.00
#
_symmetry.space_group_name_H-M   'C 1 2 1'
#
loop_
_entity.id
_entity.type
_entity.pdbx_description
1 polymer 'Accessory gene regulator A'
2 polymer "DNA (5'-D(*TP*CP*GP*AP*CP*TP*AP*GP*TP*TP*AP*AP*GP*AP*AP*A)-3')"
3 polymer "DNA (5'-D(*AP*TP*TP*TP*CP*TP*TP*AP*AP*CP*TP*AP*GP*TP*CP*G)-3')"
#
loop_
_entity_poly.entity_id
_entity_poly.type
_entity_poly.pdbx_seq_one_letter_code
_entity_poly.pdbx_strand_id
1 'polypeptide(L)'
;SVETIELKRGSNSVYVQYDDIMFFESSTKSHRLIAHLDNRQIEFYGNLKELSQLDDRFFRCHNSFVVNRHNIESIDSKER
IVYFKNKEHCYASVRNVKKI
;
A,B,C,D
2 'polydeoxyribonucleotide' (DT)(DC)(DG)(DA)(DC)(DT)(DA)(DG)(DT)(DT)(DA)(DA)(DG)(DA)(DA)(DA) E,G
3 'polydeoxyribonucleotide' (DA)(DT)(DT)(DT)(DC)(DT)(DT)(DA)(DA)(DC)(DT)(DA)(DG)(DT)(DC)(DG) F,H
#
loop_
_chem_comp.id
_chem_comp.type
_chem_comp.name
_chem_comp.formula
DA DNA linking 2'-DEOXYADENOSINE-5'-MONOPHOSPHATE 'C10 H14 N5 O6 P'
DC DNA linking 2'-DEOXYCYTIDINE-5'-MONOPHOSPHATE 'C9 H14 N3 O7 P'
DG DNA linking 2'-DEOXYGUANOSINE-5'-MONOPHOSPHATE 'C10 H14 N5 O7 P'
DT DNA linking THYMIDINE-5'-MONOPHOSPHATE 'C10 H15 N2 O8 P'
#
# COMPACT_ATOMS: atom_id res chain seq x y z
N VAL A 2 -6.83 12.52 7.43
CA VAL A 2 -6.88 12.70 5.94
C VAL A 2 -6.60 14.16 5.53
N GLU A 3 -5.93 14.36 4.40
CA GLU A 3 -5.50 15.71 4.02
C GLU A 3 -6.50 16.32 3.06
N THR A 4 -7.06 17.44 3.52
CA THR A 4 -8.05 18.18 2.75
C THR A 4 -7.72 19.64 2.83
N ILE A 5 -8.34 20.38 1.93
CA ILE A 5 -8.12 21.81 1.83
C ILE A 5 -9.46 22.53 1.81
N GLU A 6 -9.47 23.70 2.44
CA GLU A 6 -10.65 24.56 2.52
C GLU A 6 -10.54 25.59 1.41
N LEU A 7 -11.52 25.59 0.51
CA LEU A 7 -11.60 26.63 -0.52
C LEU A 7 -12.70 27.63 -0.14
N LYS A 8 -12.31 28.88 0.11
CA LYS A 8 -13.19 29.86 0.73
C LYS A 8 -13.77 30.78 -0.30
N ARG A 9 -15.10 30.84 -0.35
CA ARG A 9 -15.81 31.67 -1.29
C ARG A 9 -16.71 32.50 -0.40
N GLY A 10 -16.34 33.76 -0.16
CA GLY A 10 -17.09 34.63 0.77
C GLY A 10 -17.37 33.92 2.09
N SER A 11 -18.66 33.77 2.44
CA SER A 11 -19.08 32.99 3.60
C SER A 11 -19.08 31.49 3.33
N ASN A 12 -19.08 31.10 2.06
CA ASN A 12 -18.94 29.69 1.74
C ASN A 12 -17.52 29.28 1.94
N SER A 13 -17.40 28.00 2.27
CA SER A 13 -16.14 27.26 2.11
C SER A 13 -16.53 25.91 1.55
N VAL A 14 -15.80 25.42 0.55
CA VAL A 14 -15.96 24.04 0.09
C VAL A 14 -14.70 23.26 0.46
N TYR A 15 -14.90 22.05 0.96
CA TYR A 15 -13.81 21.21 1.44
C TYR A 15 -13.58 20.07 0.46
N VAL A 16 -12.33 19.89 0.08
CA VAL A 16 -11.93 19.00 -1.01
C VAL A 16 -10.64 18.30 -0.60
N GLN A 17 -10.50 17.03 -0.96
CA GLN A 17 -9.25 16.29 -0.66
C GLN A 17 -8.14 16.70 -1.61
N TYR A 18 -6.94 16.87 -1.08
CA TYR A 18 -5.76 17.19 -1.91
C TYR A 18 -5.80 16.55 -3.30
N ASP A 19 -5.85 15.22 -3.36
CA ASP A 19 -5.79 14.49 -4.64
C ASP A 19 -7.12 14.42 -5.41
N ASP A 20 -8.17 15.10 -4.95
CA ASP A 20 -9.32 15.39 -5.80
C ASP A 20 -8.99 16.50 -6.81
N ILE A 21 -7.93 17.26 -6.52
CA ILE A 21 -7.52 18.44 -7.28
C ILE A 21 -6.38 18.11 -8.23
N MET A 22 -6.59 18.42 -9.51
CA MET A 22 -5.59 18.22 -10.54
C MET A 22 -4.53 19.33 -10.45
N PHE A 23 -5.01 20.57 -10.51
CA PHE A 23 -4.14 21.74 -10.42
C PHE A 23 -4.94 23.00 -10.11
N PHE A 24 -4.22 24.04 -9.77
CA PHE A 24 -4.80 25.37 -9.59
C PHE A 24 -4.30 26.27 -10.69
N GLU A 25 -5.14 27.20 -11.13
CA GLU A 25 -4.71 28.29 -12.01
C GLU A 25 -5.28 29.62 -11.50
N SER A 26 -4.60 30.72 -11.82
CA SER A 26 -5.11 32.04 -11.50
C SER A 26 -6.37 32.32 -12.32
N SER A 27 -7.32 32.99 -11.69
CA SER A 27 -8.56 33.40 -12.36
C SER A 27 -8.32 34.73 -13.04
N THR A 28 -9.23 35.08 -13.97
CA THR A 28 -9.28 36.43 -14.51
C THR A 28 -9.74 37.44 -13.45
N LYS A 29 -10.48 36.96 -12.45
CA LYS A 29 -10.81 37.76 -11.25
C LYS A 29 -9.60 37.85 -10.33
N SER A 30 -9.15 39.08 -10.05
CA SER A 30 -7.95 39.28 -9.23
C SER A 30 -8.09 38.65 -7.85
N HIS A 31 -6.99 38.06 -7.39
CA HIS A 31 -6.90 37.39 -6.07
C HIS A 31 -7.76 36.13 -5.91
N ARG A 32 -8.23 35.57 -7.01
CA ARG A 32 -8.94 34.29 -7.01
C ARG A 32 -8.19 33.27 -7.84
N LEU A 33 -8.31 32.02 -7.42
CA LEU A 33 -7.76 30.90 -8.13
C LEU A 33 -8.91 30.02 -8.60
N ILE A 34 -8.60 29.12 -9.52
CA ILE A 34 -9.53 28.09 -9.97
C ILE A 34 -8.87 26.76 -9.62
N ALA A 35 -9.52 26.00 -8.74
CA ALA A 35 -9.10 24.62 -8.50
C ALA A 35 -9.76 23.73 -9.56
N HIS A 36 -8.96 22.98 -10.30
CA HIS A 36 -9.51 22.04 -11.27
C HIS A 36 -9.61 20.68 -10.64
N LEU A 37 -10.85 20.26 -10.37
CA LEU A 37 -11.11 18.96 -9.79
C LEU A 37 -11.33 17.94 -10.90
N ASP A 38 -11.47 16.68 -10.51
CA ASP A 38 -11.76 15.60 -11.46
C ASP A 38 -12.86 15.92 -12.47
N ASN A 39 -14.03 16.33 -11.98
CA ASN A 39 -15.22 16.59 -12.81
C ASN A 39 -15.88 17.97 -12.62
N ARG A 40 -15.15 18.92 -12.05
CA ARG A 40 -15.67 20.30 -11.88
C ARG A 40 -14.54 21.27 -11.58
N GLN A 41 -14.78 22.54 -11.83
CA GLN A 41 -13.84 23.60 -11.45
C GLN A 41 -14.44 24.41 -10.33
N ILE A 42 -13.60 24.88 -9.42
CA ILE A 42 -14.05 25.73 -8.31
C ILE A 42 -13.21 26.98 -8.27
N GLU A 43 -13.90 28.13 -8.27
CA GLU A 43 -13.27 29.43 -8.11
C GLU A 43 -13.22 29.76 -6.62
N PHE A 44 -12.09 30.29 -6.15
CA PHE A 44 -11.95 30.65 -4.74
C PHE A 44 -10.82 31.64 -4.49
N TYR A 45 -10.86 32.30 -3.32
CA TYR A 45 -9.79 33.25 -2.92
C TYR A 45 -8.59 32.52 -2.36
N GLY A 46 -7.42 32.79 -2.93
CA GLY A 46 -6.17 32.24 -2.41
C GLY A 46 -5.00 32.73 -3.22
N ASN A 47 -3.78 32.34 -2.83
CA ASN A 47 -2.60 32.69 -3.61
C ASN A 47 -1.80 31.43 -3.90
N LEU A 48 -1.19 31.40 -5.07
CA LEU A 48 -0.46 30.22 -5.54
C LEU A 48 0.76 29.90 -4.67
N LYS A 49 1.49 30.93 -4.23
CA LYS A 49 2.68 30.75 -3.40
C LYS A 49 2.35 29.94 -2.15
N GLU A 50 1.34 30.38 -1.41
CA GLU A 50 0.87 29.72 -0.19
C GLU A 50 0.49 28.23 -0.46
N LEU A 51 -0.20 27.99 -1.56
CA LEU A 51 -0.64 26.62 -1.92
C LEU A 51 0.54 25.73 -2.25
N SER A 52 1.52 26.26 -2.99
CA SER A 52 2.73 25.48 -3.32
C SER A 52 3.53 25.10 -2.08
N GLN A 53 3.46 25.95 -1.06
CA GLN A 53 4.11 25.68 0.23
C GLN A 53 3.39 24.64 1.08
N LEU A 54 2.11 24.39 0.81
CA LEU A 54 1.31 23.43 1.60
C LEU A 54 1.91 22.04 1.66
N ASP A 55 2.39 21.57 0.51
CA ASP A 55 2.82 20.20 0.36
C ASP A 55 3.82 20.08 -0.79
N ASP A 56 4.72 19.12 -0.68
CA ASP A 56 5.72 18.87 -1.73
C ASP A 56 5.06 18.50 -3.07
N ARG A 57 3.88 17.87 -3.01
CA ARG A 57 3.16 17.49 -4.23
C ARG A 57 2.62 18.68 -5.03
N PHE A 58 2.40 19.81 -4.35
CA PHE A 58 1.95 21.03 -5.01
C PHE A 58 3.16 21.82 -5.44
N PHE A 59 3.40 21.80 -6.76
CA PHE A 59 4.59 22.39 -7.36
C PHE A 59 4.21 23.50 -8.32
N ARG A 60 4.91 24.62 -8.19
CA ARG A 60 4.69 25.79 -9.05
C ARG A 60 5.39 25.54 -10.39
N CYS A 61 4.66 24.95 -11.33
CA CYS A 61 5.23 24.62 -12.64
C CYS A 61 5.25 25.81 -13.58
N HIS A 62 4.63 26.93 -13.18
CA HIS A 62 4.44 28.07 -14.06
C HIS A 62 3.87 29.22 -13.21
N ASN A 63 4.17 30.45 -13.56
CA ASN A 63 3.71 31.61 -12.77
C ASN A 63 2.23 31.59 -12.41
N SER A 64 1.41 31.18 -13.36
CA SER A 64 -0.04 31.01 -13.23
C SER A 64 -0.60 29.63 -12.84
N PHE A 65 0.25 28.64 -12.54
CA PHE A 65 -0.24 27.27 -12.25
C PHE A 65 0.51 26.61 -11.11
N VAL A 66 -0.24 25.99 -10.20
CA VAL A 66 0.33 25.05 -9.23
C VAL A 66 -0.31 23.70 -9.49
N VAL A 67 0.53 22.70 -9.76
CA VAL A 67 0.06 21.39 -10.19
C VAL A 67 0.18 20.38 -9.05
N ASN A 68 -0.80 19.49 -8.96
CA ASN A 68 -0.74 18.38 -8.02
C ASN A 68 -0.01 17.24 -8.69
N ARG A 69 1.24 17.03 -8.26
CA ARG A 69 2.09 15.97 -8.81
C ARG A 69 1.41 14.61 -8.82
N HIS A 70 0.61 14.32 -7.78
CA HIS A 70 -0.09 13.04 -7.67
C HIS A 70 -1.04 12.74 -8.82
N ASN A 71 -1.54 13.75 -9.52
CA ASN A 71 -2.52 13.53 -10.60
C ASN A 71 -1.98 13.73 -12.00
N ILE A 72 -0.66 13.94 -12.12
CA ILE A 72 -0.03 14.09 -13.44
C ILE A 72 0.00 12.72 -14.10
N GLU A 73 -0.59 12.63 -15.27
CA GLU A 73 -0.63 11.40 -16.05
C GLU A 73 0.65 11.30 -16.88
N SER A 74 0.95 12.35 -17.64
CA SER A 74 2.14 12.39 -18.49
C SER A 74 2.67 13.79 -18.69
N ILE A 75 3.93 13.89 -19.14
CA ILE A 75 4.58 15.18 -19.45
C ILE A 75 5.31 15.14 -20.79
N ASP A 76 4.95 16.07 -21.67
CA ASP A 76 5.72 16.32 -22.89
C ASP A 76 6.63 17.52 -22.61
N SER A 77 7.90 17.25 -22.35
CA SER A 77 8.89 18.31 -22.03
C SER A 77 9.26 19.23 -23.21
N LYS A 78 9.15 18.74 -24.43
CA LYS A 78 9.43 19.58 -25.57
C LYS A 78 8.37 20.66 -25.65
N GLU A 79 7.11 20.26 -25.64
CA GLU A 79 5.99 21.20 -25.67
C GLU A 79 5.75 21.85 -24.33
N ARG A 80 6.29 21.23 -23.27
CA ARG A 80 6.08 21.64 -21.88
C ARG A 80 4.61 21.62 -21.48
N ILE A 81 3.94 20.54 -21.87
CA ILE A 81 2.55 20.33 -21.53
C ILE A 81 2.46 19.20 -20.51
N VAL A 82 1.67 19.44 -19.47
CA VAL A 82 1.43 18.49 -18.39
C VAL A 82 0.00 17.99 -18.53
N TYR A 83 -0.16 16.68 -18.60
CA TYR A 83 -1.48 16.06 -18.71
C TYR A 83 -1.85 15.40 -17.40
N PHE A 84 -3.14 15.47 -17.05
CA PHE A 84 -3.63 14.98 -15.78
C PHE A 84 -4.59 13.84 -15.98
N LYS A 85 -4.76 13.06 -14.93
CA LYS A 85 -5.56 11.83 -14.96
C LYS A 85 -6.98 12.01 -15.48
N ASN A 86 -7.53 13.20 -15.32
CA ASN A 86 -8.87 13.50 -15.80
C ASN A 86 -8.90 14.06 -17.25
N LYS A 87 -7.80 13.93 -17.99
CA LYS A 87 -7.74 14.29 -19.43
C LYS A 87 -7.79 15.79 -19.81
N GLU A 88 -7.21 16.64 -18.99
CA GLU A 88 -7.01 18.03 -19.31
C GLU A 88 -5.56 18.25 -19.01
N HIS A 89 -5.12 19.47 -19.22
CA HIS A 89 -3.71 19.76 -19.15
C HIS A 89 -3.47 21.21 -18.82
N CYS A 90 -2.21 21.51 -18.51
CA CYS A 90 -1.78 22.87 -18.30
C CYS A 90 -0.40 23.00 -18.90
N TYR A 91 0.20 24.17 -18.74
CA TYR A 91 1.50 24.45 -19.30
C TYR A 91 2.51 24.71 -18.22
N ALA A 92 3.76 24.38 -18.54
CA ALA A 92 4.87 24.59 -17.65
C ALA A 92 5.81 25.60 -18.26
N SER A 93 6.43 26.42 -17.41
CA SER A 93 7.38 27.40 -17.86
C SER A 93 8.70 26.72 -18.12
N VAL A 94 9.45 27.31 -19.04
CA VAL A 94 10.73 26.76 -19.49
C VAL A 94 11.63 26.39 -18.30
N ARG A 95 11.70 27.28 -17.34
CA ARG A 95 12.60 27.12 -16.21
C ARG A 95 12.18 26.03 -15.24
N ASN A 96 10.86 25.82 -15.12
CA ASN A 96 10.31 24.97 -14.08
C ASN A 96 9.96 23.57 -14.54
N VAL A 97 9.71 23.40 -15.84
CA VAL A 97 9.27 22.11 -16.42
C VAL A 97 10.13 20.87 -16.07
N LYS A 98 11.45 21.03 -16.09
CA LYS A 98 12.37 19.92 -15.84
C LYS A 98 12.35 19.48 -14.36
N LYS A 99 11.96 20.38 -13.47
CA LYS A 99 11.94 20.12 -12.02
C LYS A 99 10.60 19.58 -11.48
N ILE A 100 9.58 19.41 -12.32
CA ILE A 100 8.33 18.79 -11.91
C ILE A 100 8.62 17.37 -11.39
N GLU B 3 -1.55 -7.57 3.39
CA GLU B 3 -1.78 -8.98 3.88
C GLU B 3 -2.66 -9.77 2.93
N THR B 4 -2.10 -10.88 2.46
CA THR B 4 -2.76 -11.74 1.51
C THR B 4 -2.55 -13.15 1.95
N ILE B 5 -3.38 -14.02 1.37
CA ILE B 5 -3.38 -15.43 1.71
C ILE B 5 -3.29 -16.24 0.42
N GLU B 6 -2.57 -17.36 0.52
CA GLU B 6 -2.39 -18.30 -0.57
C GLU B 6 -3.42 -19.42 -0.43
N LEU B 7 -4.29 -19.56 -1.42
CA LEU B 7 -5.25 -20.66 -1.44
C LEU B 7 -4.74 -21.69 -2.42
N LYS B 8 -4.41 -22.88 -1.93
CA LYS B 8 -3.72 -23.89 -2.74
C LYS B 8 -4.72 -24.86 -3.33
N ARG B 9 -4.58 -25.15 -4.62
CA ARG B 9 -5.41 -26.13 -5.31
C ARG B 9 -4.47 -26.97 -6.19
N GLY B 10 -4.15 -28.16 -5.71
CA GLY B 10 -3.17 -29.02 -6.36
C GLY B 10 -1.93 -28.22 -6.71
N SER B 11 -1.61 -28.17 -8.00
CA SER B 11 -0.47 -27.38 -8.50
C SER B 11 -0.78 -25.88 -8.59
N ASN B 12 -2.06 -25.52 -8.49
CA ASN B 12 -2.46 -24.11 -8.42
C ASN B 12 -2.34 -23.54 -7.03
N SER B 13 -2.14 -22.24 -7.02
CA SER B 13 -2.42 -21.43 -5.85
C SER B 13 -3.06 -20.15 -6.35
N VAL B 14 -4.11 -19.70 -5.69
CA VAL B 14 -4.68 -18.38 -5.97
C VAL B 14 -4.42 -17.47 -4.77
N TYR B 15 -4.00 -16.25 -5.05
CA TYR B 15 -3.63 -15.30 -4.01
C TYR B 15 -4.72 -14.25 -3.92
N VAL B 16 -5.15 -14.00 -2.68
CA VAL B 16 -6.32 -13.15 -2.40
C VAL B 16 -6.04 -12.31 -1.15
N GLN B 17 -6.53 -11.08 -1.12
CA GLN B 17 -6.34 -10.21 0.03
C GLN B 17 -7.27 -10.61 1.17
N TYR B 18 -6.73 -10.66 2.39
CA TYR B 18 -7.54 -10.98 3.58
C TYR B 18 -8.98 -10.46 3.44
N ASP B 19 -9.13 -9.15 3.29
CA ASP B 19 -10.47 -8.53 3.29
C ASP B 19 -11.22 -8.62 1.95
N ASP B 20 -10.66 -9.33 0.98
CA ASP B 20 -11.43 -9.77 -0.19
C ASP B 20 -12.36 -10.94 0.19
N ILE B 21 -12.05 -11.58 1.32
CA ILE B 21 -12.74 -12.78 1.80
C ILE B 21 -13.74 -12.45 2.89
N MET B 22 -14.98 -12.88 2.66
CA MET B 22 -16.07 -12.68 3.62
C MET B 22 -15.93 -13.70 4.76
N PHE B 23 -15.88 -14.98 4.38
CA PHE B 23 -15.72 -16.07 5.33
C PHE B 23 -15.29 -17.34 4.63
N PHE B 24 -14.88 -18.32 5.45
CA PHE B 24 -14.57 -19.66 4.98
C PHE B 24 -15.62 -20.61 5.52
N GLU B 25 -15.94 -21.64 4.73
CA GLU B 25 -16.74 -22.76 5.22
C GLU B 25 -16.13 -24.07 4.77
N SER B 26 -16.38 -25.14 5.53
CA SER B 26 -15.94 -26.47 5.11
C SER B 26 -16.70 -26.89 3.86
N SER B 27 -15.98 -27.57 2.98
CA SER B 27 -16.59 -28.14 1.77
C SER B 27 -17.17 -29.50 2.09
N THR B 28 -18.03 -29.98 1.20
CA THR B 28 -18.49 -31.37 1.24
C THR B 28 -17.33 -32.32 0.87
N LYS B 29 -16.36 -31.81 0.11
CA LYS B 29 -15.11 -32.54 -0.15
C LYS B 29 -14.21 -32.48 1.09
N SER B 30 -13.85 -33.64 1.63
CA SER B 30 -13.04 -33.71 2.85
C SER B 30 -11.71 -32.99 2.69
N HIS B 31 -11.30 -32.30 3.75
CA HIS B 31 -10.05 -31.52 3.82
C HIS B 31 -9.98 -30.29 2.91
N ARG B 32 -11.11 -29.85 2.39
CA ARG B 32 -11.20 -28.62 1.58
C ARG B 32 -12.12 -27.62 2.24
N LEU B 33 -11.79 -26.35 2.03
CA LEU B 33 -12.61 -25.24 2.48
C LEU B 33 -13.10 -24.48 1.26
N ILE B 34 -14.09 -23.64 1.48
CA ILE B 34 -14.60 -22.73 0.47
C ILE B 34 -14.38 -21.33 1.02
N ALA B 35 -13.54 -20.54 0.35
CA ALA B 35 -13.42 -19.12 0.66
C ALA B 35 -14.53 -18.38 -0.08
N HIS B 36 -15.36 -17.64 0.63
CA HIS B 36 -16.39 -16.82 -0.01
C HIS B 36 -15.87 -15.42 -0.21
N LEU B 37 -15.59 -15.08 -1.46
CA LEU B 37 -15.09 -13.76 -1.82
C LEU B 37 -16.27 -12.87 -2.15
N ASP B 38 -15.98 -11.59 -2.38
CA ASP B 38 -17.03 -10.63 -2.73
C ASP B 38 -18.01 -11.14 -3.79
N ASN B 39 -17.48 -11.58 -4.92
CA ASN B 39 -18.32 -11.99 -6.07
C ASN B 39 -18.01 -13.38 -6.64
N ARG B 40 -17.37 -14.23 -5.83
CA ARG B 40 -17.07 -15.60 -6.20
C ARG B 40 -16.81 -16.45 -4.96
N GLN B 41 -16.79 -17.76 -5.18
CA GLN B 41 -16.33 -18.70 -4.18
C GLN B 41 -15.13 -19.46 -4.70
N ILE B 42 -14.20 -19.80 -3.81
CA ILE B 42 -13.00 -20.57 -4.17
C ILE B 42 -12.87 -21.77 -3.25
N GLU B 43 -12.74 -22.95 -3.85
CA GLU B 43 -12.53 -24.19 -3.11
C GLU B 43 -11.02 -24.39 -3.00
N PHE B 44 -10.53 -24.79 -1.83
CA PHE B 44 -9.10 -25.04 -1.64
C PHE B 44 -8.80 -25.92 -0.42
N TYR B 45 -7.60 -26.48 -0.38
CA TYR B 45 -7.18 -27.33 0.75
C TYR B 45 -6.71 -26.48 1.91
N GLY B 46 -7.30 -26.72 3.08
CA GLY B 46 -6.86 -26.04 4.30
C GLY B 46 -7.67 -26.52 5.49
N ASN B 47 -7.34 -26.02 6.67
CA ASN B 47 -8.12 -26.31 7.88
C ASN B 47 -8.54 -25.02 8.59
N LEU B 48 -9.75 -25.02 9.14
CA LEU B 48 -10.34 -23.82 9.76
C LEU B 48 -9.54 -23.34 10.97
N LYS B 49 -9.02 -24.29 11.76
CA LYS B 49 -8.23 -23.97 12.95
C LYS B 49 -7.07 -23.04 12.61
N GLU B 50 -6.26 -23.48 11.64
CA GLU B 50 -5.07 -22.76 11.17
C GLU B 50 -5.40 -21.37 10.66
N LEU B 51 -6.52 -21.27 9.94
CA LEU B 51 -6.98 -19.97 9.41
C LEU B 51 -7.43 -19.02 10.52
N SER B 52 -8.16 -19.53 11.51
CA SER B 52 -8.58 -18.71 12.65
C SER B 52 -7.38 -18.17 13.45
N GLN B 53 -6.29 -18.94 13.47
CA GLN B 53 -5.04 -18.53 14.13
C GLN B 53 -4.24 -17.47 13.37
N LEU B 54 -4.48 -17.34 12.06
CA LEU B 54 -3.77 -16.36 11.22
C LEU B 54 -3.85 -14.94 11.71
N ASP B 55 -5.05 -14.53 12.11
CA ASP B 55 -5.33 -13.14 12.45
C ASP B 55 -6.51 -13.06 13.40
N ASP B 56 -6.50 -12.02 14.24
CA ASP B 56 -7.60 -11.80 15.17
C ASP B 56 -8.93 -11.59 14.46
N ARG B 57 -8.89 -11.04 13.23
CA ARG B 57 -10.11 -10.81 12.45
C ARG B 57 -10.80 -12.09 11.99
N PHE B 58 -10.04 -13.19 11.87
CA PHE B 58 -10.58 -14.49 11.50
C PHE B 58 -10.99 -15.21 12.76
N PHE B 59 -12.31 -15.28 12.96
CA PHE B 59 -12.90 -15.83 14.17
C PHE B 59 -13.76 -17.04 13.85
N ARG B 60 -13.57 -18.10 14.64
CA ARG B 60 -14.32 -19.34 14.48
C ARG B 60 -15.71 -19.18 15.12
N CYS B 61 -16.67 -18.71 14.33
CA CYS B 61 -18.00 -18.43 14.83
C CYS B 61 -18.85 -19.69 14.95
N HIS B 62 -18.34 -20.81 14.44
CA HIS B 62 -19.12 -22.03 14.28
C HIS B 62 -18.16 -23.13 13.82
N ASN B 63 -18.43 -24.38 14.20
CA ASN B 63 -17.53 -25.49 13.85
C ASN B 63 -17.12 -25.55 12.38
N SER B 64 -18.08 -25.28 11.51
CA SER B 64 -17.92 -25.21 10.05
C SER B 64 -17.61 -23.84 9.39
N PHE B 65 -17.42 -22.77 10.17
CA PHE B 65 -17.24 -21.42 9.58
C PHE B 65 -16.16 -20.63 10.31
N VAL B 66 -15.27 -20.00 9.56
CA VAL B 66 -14.40 -18.94 10.07
C VAL B 66 -14.74 -17.66 9.35
N VAL B 67 -15.14 -16.63 10.10
CA VAL B 67 -15.64 -15.40 9.51
C VAL B 67 -14.58 -14.30 9.58
N ASN B 68 -14.52 -13.49 8.53
CA ASN B 68 -13.70 -12.29 8.54
C ASN B 68 -14.48 -11.15 9.18
N ARG B 69 -14.12 -10.83 10.41
CA ARG B 69 -14.77 -9.76 11.16
C ARG B 69 -14.86 -8.45 10.37
N HIS B 70 -13.82 -8.14 9.59
CA HIS B 70 -13.79 -6.90 8.80
C HIS B 70 -14.93 -6.77 7.80
N ASN B 71 -15.53 -7.87 7.36
CA ASN B 71 -16.59 -7.80 6.35
C ASN B 71 -17.98 -8.10 6.87
N ILE B 72 -18.14 -8.21 8.19
CA ILE B 72 -19.45 -8.40 8.78
C ILE B 72 -20.22 -7.10 8.68
N GLU B 73 -21.39 -7.14 8.05
CA GLU B 73 -22.27 -5.99 7.90
C GLU B 73 -23.15 -5.86 9.13
N SER B 74 -23.83 -6.94 9.49
CA SER B 74 -24.72 -6.96 10.65
C SER B 74 -24.83 -8.34 11.28
N ILE B 75 -25.30 -8.38 12.53
CA ILE B 75 -25.54 -9.63 13.25
C ILE B 75 -26.91 -9.65 13.91
N ASP B 76 -27.69 -10.67 13.59
CA ASP B 76 -28.92 -10.97 14.33
C ASP B 76 -28.59 -12.06 15.35
N SER B 77 -28.38 -11.66 16.61
CA SER B 77 -28.01 -12.60 17.68
C SER B 77 -29.14 -13.59 18.08
N LYS B 78 -30.40 -13.20 17.89
CA LYS B 78 -31.53 -14.08 18.16
C LYS B 78 -31.50 -15.29 17.22
N GLU B 79 -31.43 -14.99 15.93
CA GLU B 79 -31.33 -16.02 14.88
C GLU B 79 -29.90 -16.55 14.73
N ARG B 80 -28.92 -15.83 15.27
CA ARG B 80 -27.49 -16.14 15.16
C ARG B 80 -27.05 -16.21 13.70
N ILE B 81 -27.51 -15.22 12.94
CA ILE B 81 -27.13 -15.09 11.54
C ILE B 81 -26.20 -13.89 11.40
N VAL B 82 -25.11 -14.11 10.68
CA VAL B 82 -24.10 -13.09 10.40
C VAL B 82 -24.23 -12.71 8.94
N TYR B 83 -24.42 -11.41 8.68
CA TYR B 83 -24.54 -10.90 7.31
C TYR B 83 -23.26 -10.17 6.94
N PHE B 84 -22.86 -10.30 5.67
CA PHE B 84 -21.61 -9.73 5.19
C PHE B 84 -21.89 -8.63 4.18
N LYS B 85 -20.89 -7.80 3.97
CA LYS B 85 -20.98 -6.65 3.06
C LYS B 85 -21.42 -6.96 1.64
N ASN B 86 -21.12 -8.17 1.17
CA ASN B 86 -21.54 -8.62 -0.17
C ASN B 86 -22.95 -9.27 -0.17
N LYS B 87 -23.71 -9.14 0.92
CA LYS B 87 -25.08 -9.67 1.05
C LYS B 87 -25.18 -11.16 1.43
N GLU B 88 -24.05 -11.87 1.50
CA GLU B 88 -24.06 -13.29 1.89
C GLU B 88 -24.25 -13.37 3.40
N HIS B 89 -24.51 -14.56 3.91
CA HIS B 89 -24.58 -14.77 5.34
C HIS B 89 -24.12 -16.17 5.72
N CYS B 90 -23.85 -16.35 7.01
CA CYS B 90 -23.55 -17.67 7.55
C CYS B 90 -24.19 -17.75 8.94
N TYR B 91 -23.98 -18.86 9.63
CA TYR B 91 -24.57 -19.10 10.91
C TYR B 91 -23.49 -19.19 11.98
N ALA B 92 -23.88 -18.78 13.17
CA ALA B 92 -22.99 -18.81 14.32
C ALA B 92 -23.57 -19.80 15.31
N SER B 93 -22.68 -20.49 16.01
CA SER B 93 -23.10 -21.43 17.03
C SER B 93 -23.50 -20.66 18.28
N VAL B 94 -24.34 -21.27 19.10
CA VAL B 94 -24.88 -20.64 20.32
C VAL B 94 -23.78 -20.12 21.25
N ARG B 95 -22.75 -20.93 21.45
CA ARG B 95 -21.68 -20.62 22.39
C ARG B 95 -20.56 -19.75 21.84
N ASN B 96 -20.56 -19.41 20.54
CA ASN B 96 -19.59 -18.47 19.92
C ASN B 96 -20.16 -17.14 19.45
N VAL B 97 -21.45 -17.11 19.12
CA VAL B 97 -22.12 -15.92 18.54
C VAL B 97 -21.89 -14.58 19.28
N LYS B 98 -21.97 -14.62 20.60
CA LYS B 98 -21.83 -13.40 21.41
C LYS B 98 -20.40 -12.86 21.39
N LYS B 99 -19.43 -13.75 21.16
CA LYS B 99 -18.02 -13.41 21.20
C LYS B 99 -17.48 -12.93 19.84
N ILE B 100 -18.32 -12.94 18.81
CA ILE B 100 -17.91 -12.45 17.49
C ILE B 100 -17.50 -10.99 17.57
N VAL C 2 2.04 8.88 -1.69
CA VAL C 2 1.73 7.91 -2.80
C VAL C 2 3.00 7.30 -3.42
N GLU C 3 2.87 6.09 -3.96
CA GLU C 3 3.98 5.40 -4.64
C GLU C 3 3.73 5.24 -6.15
N THR C 4 4.54 5.95 -6.91
CA THR C 4 4.39 6.12 -8.33
C THR C 4 5.72 6.04 -9.02
N ILE C 5 5.73 5.66 -10.30
CA ILE C 5 6.96 5.46 -11.05
C ILE C 5 6.91 6.26 -12.36
N GLU C 6 8.06 6.80 -12.73
CA GLU C 6 8.21 7.57 -13.96
C GLU C 6 8.73 6.65 -15.04
N LEU C 7 7.98 6.50 -16.12
CA LEU C 7 8.43 5.75 -17.28
C LEU C 7 8.83 6.73 -18.37
N LYS C 8 10.12 6.75 -18.72
CA LYS C 8 10.67 7.78 -19.60
C LYS C 8 10.73 7.29 -21.02
N ARG C 9 10.28 8.14 -21.94
CA ARG C 9 10.31 7.86 -23.38
C ARG C 9 10.80 9.11 -24.11
N GLY C 10 12.07 9.13 -24.47
CA GLY C 10 12.71 10.32 -24.99
C GLY C 10 12.39 11.54 -24.14
N SER C 11 11.75 12.53 -24.74
CA SER C 11 11.31 13.75 -24.03
C SER C 11 10.01 13.54 -23.23
N ASN C 12 9.31 12.44 -23.47
CA ASN C 12 8.15 12.06 -22.66
C ASN C 12 8.56 11.40 -21.36
N SER C 13 7.68 11.53 -20.38
CA SER C 13 7.62 10.62 -19.26
C SER C 13 6.15 10.36 -18.99
N VAL C 14 5.79 9.10 -18.75
CA VAL C 14 4.45 8.77 -18.28
C VAL C 14 4.53 8.30 -16.83
N TYR C 15 3.62 8.79 -16.02
CA TYR C 15 3.63 8.51 -14.59
C TYR C 15 2.49 7.55 -14.29
N VAL C 16 2.83 6.49 -13.56
CA VAL C 16 1.94 5.35 -13.32
C VAL C 16 2.10 4.85 -11.89
N GLN C 17 1.01 4.44 -11.23
CA GLN C 17 1.08 3.92 -9.87
C GLN C 17 1.67 2.50 -9.85
N TYR C 18 2.58 2.23 -8.92
CA TYR C 18 3.15 0.90 -8.76
C TYR C 18 2.16 -0.21 -9.10
N ASP C 19 1.04 -0.26 -8.38
CA ASP C 19 0.05 -1.34 -8.56
C ASP C 19 -0.89 -1.19 -9.75
N ASP C 20 -0.71 -0.16 -10.58
CA ASP C 20 -1.31 -0.12 -11.92
C ASP C 20 -0.58 -1.07 -12.85
N ILE C 21 0.63 -1.46 -12.45
CA ILE C 21 1.53 -2.31 -13.25
C ILE C 21 1.51 -3.77 -12.80
N MET C 22 1.23 -4.66 -13.74
CA MET C 22 1.21 -6.10 -13.50
C MET C 22 2.64 -6.62 -13.41
N PHE C 23 3.41 -6.35 -14.47
CA PHE C 23 4.81 -6.76 -14.56
C PHE C 23 5.55 -5.99 -15.63
N PHE C 24 6.87 -6.13 -15.61
CA PHE C 24 7.72 -5.61 -16.66
C PHE C 24 8.33 -6.77 -17.42
N GLU C 25 8.54 -6.58 -18.73
CA GLU C 25 9.35 -7.51 -19.51
C GLU C 25 10.32 -6.75 -20.40
N SER C 26 11.45 -7.37 -20.74
CA SER C 26 12.40 -6.77 -21.68
C SER C 26 11.79 -6.71 -23.10
N SER C 27 12.08 -5.61 -23.79
CA SER C 27 11.58 -5.39 -25.15
C SER C 27 12.55 -6.02 -26.12
N THR C 28 12.09 -6.22 -27.35
CA THR C 28 12.98 -6.58 -28.45
C THR C 28 13.92 -5.42 -28.80
N LYS C 29 13.50 -4.19 -28.50
CA LYS C 29 14.36 -3.00 -28.59
C LYS C 29 15.33 -2.97 -27.40
N SER C 30 16.63 -2.99 -27.68
CA SER C 30 17.66 -3.02 -26.65
C SER C 30 17.55 -1.84 -25.68
N HIS C 31 17.74 -2.12 -24.39
CA HIS C 31 17.67 -1.13 -23.31
C HIS C 31 16.26 -0.55 -23.00
N ARG C 32 15.20 -1.18 -23.54
CA ARG C 32 13.84 -0.77 -23.29
C ARG C 32 13.13 -1.91 -22.60
N LEU C 33 12.18 -1.55 -21.75
CA LEU C 33 11.30 -2.50 -21.09
C LEU C 33 9.88 -2.24 -21.55
N ILE C 34 9.00 -3.17 -21.24
CA ILE C 34 7.58 -3.01 -21.45
C ILE C 34 6.91 -3.15 -20.09
N ALA C 35 6.25 -2.09 -19.62
CA ALA C 35 5.39 -2.18 -18.46
C ALA C 35 4.01 -2.66 -18.88
N HIS C 36 3.54 -3.78 -18.32
CA HIS C 36 2.20 -4.28 -18.61
C HIS C 36 1.24 -3.73 -17.58
N LEU C 37 0.39 -2.80 -18.01
CA LEU C 37 -0.62 -2.20 -17.14
C LEU C 37 -1.91 -2.96 -17.24
N ASP C 38 -2.88 -2.58 -16.40
CA ASP C 38 -4.24 -3.14 -16.39
C ASP C 38 -4.79 -3.38 -17.82
N ASN C 39 -4.84 -2.33 -18.61
CA ASN C 39 -5.46 -2.38 -19.95
C ASN C 39 -4.63 -1.78 -21.07
N ARG C 40 -3.31 -1.68 -20.87
CA ARG C 40 -2.37 -1.13 -21.84
C ARG C 40 -0.94 -1.53 -21.54
N GLN C 41 -0.11 -1.56 -22.58
CA GLN C 41 1.32 -1.80 -22.40
C GLN C 41 2.05 -0.51 -22.69
N ILE C 42 3.15 -0.26 -21.97
CA ILE C 42 3.98 0.92 -22.21
C ILE C 42 5.44 0.50 -22.38
N GLU C 43 6.04 0.94 -23.49
CA GLU C 43 7.46 0.72 -23.74
C GLU C 43 8.22 1.91 -23.16
N PHE C 44 9.35 1.65 -22.49
CA PHE C 44 10.17 2.74 -21.94
C PHE C 44 11.60 2.31 -21.66
N TYR C 45 12.51 3.29 -21.51
CA TYR C 45 13.91 3.03 -21.19
C TYR C 45 14.05 2.68 -19.69
N GLY C 46 14.63 1.53 -19.39
CA GLY C 46 14.98 1.15 -18.02
C GLY C 46 15.66 -0.20 -17.96
N ASN C 47 16.07 -0.62 -16.76
CA ASN C 47 16.67 -1.93 -16.56
C ASN C 47 15.96 -2.69 -15.44
N LEU C 48 15.82 -4.00 -15.64
CA LEU C 48 15.06 -4.83 -14.71
C LEU C 48 15.67 -4.86 -13.32
N LYS C 49 16.99 -4.86 -13.23
CA LYS C 49 17.70 -4.92 -11.95
C LYS C 49 17.26 -3.77 -11.05
N GLU C 50 17.36 -2.56 -11.60
CA GLU C 50 17.01 -1.34 -10.85
C GLU C 50 15.56 -1.34 -10.39
N LEU C 51 14.66 -1.81 -11.26
CA LEU C 51 13.24 -1.90 -10.92
C LEU C 51 12.98 -2.89 -9.79
N SER C 52 13.63 -4.06 -9.84
CA SER C 52 13.49 -5.07 -8.78
C SER C 52 13.96 -4.56 -7.43
N GLN C 53 14.95 -3.66 -7.46
CA GLN C 53 15.49 -3.02 -6.26
C GLN C 53 14.59 -1.93 -5.68
N LEU C 54 13.69 -1.38 -6.51
CA LEU C 54 12.77 -0.32 -6.06
C LEU C 54 11.94 -0.68 -4.84
N ASP C 55 11.41 -1.90 -4.83
CA ASP C 55 10.45 -2.32 -3.82
C ASP C 55 10.43 -3.84 -3.68
N ASP C 56 10.13 -4.31 -2.49
CA ASP C 56 10.07 -5.76 -2.23
C ASP C 56 9.01 -6.45 -3.10
N ARG C 57 7.96 -5.71 -3.47
CA ARG C 57 6.90 -6.27 -4.32
C ARG C 57 7.34 -6.55 -5.76
N PHE C 58 8.38 -5.85 -6.21
CA PHE C 58 8.93 -6.09 -7.54
C PHE C 58 10.01 -7.14 -7.42
N PHE C 59 9.68 -8.33 -7.92
CA PHE C 59 10.52 -9.52 -7.81
C PHE C 59 10.93 -10.03 -9.18
N ARG C 60 12.22 -10.33 -9.31
CA ARG C 60 12.78 -10.85 -10.56
C ARG C 60 12.49 -12.35 -10.65
N CYS C 61 11.34 -12.68 -11.23
CA CYS C 61 10.90 -14.08 -11.31
C CYS C 61 11.59 -14.85 -12.42
N HIS C 62 12.33 -14.12 -13.27
CA HIS C 62 12.85 -14.66 -14.52
C HIS C 62 13.77 -13.62 -15.18
N ASN C 63 14.83 -14.07 -15.85
CA ASN C 63 15.83 -13.13 -16.40
C ASN C 63 15.22 -11.93 -17.16
N SER C 64 14.17 -12.24 -17.91
CA SER C 64 13.39 -11.27 -18.67
C SER C 64 12.13 -10.65 -18.05
N PHE C 65 11.81 -10.94 -16.79
CA PHE C 65 10.58 -10.44 -16.17
C PHE C 65 10.77 -9.98 -14.73
N VAL C 66 10.21 -8.81 -14.40
CA VAL C 66 10.05 -8.39 -13.01
C VAL C 66 8.55 -8.27 -12.76
N VAL C 67 8.05 -9.03 -11.79
CA VAL C 67 6.62 -9.10 -11.54
C VAL C 67 6.23 -8.28 -10.32
N ASN C 68 5.07 -7.63 -10.39
CA ASN C 68 4.50 -6.96 -9.23
C ASN C 68 3.70 -7.97 -8.42
N ARG C 69 4.28 -8.39 -7.29
CA ARG C 69 3.64 -9.35 -6.40
C ARG C 69 2.20 -8.98 -6.05
N HIS C 70 1.93 -7.68 -5.88
CA HIS C 70 0.59 -7.20 -5.53
C HIS C 70 -0.50 -7.55 -6.54
N ASN C 71 -0.14 -7.77 -7.80
CA ASN C 71 -1.13 -8.07 -8.83
C ASN C 71 -1.15 -9.53 -9.31
N ILE C 72 -0.41 -10.40 -8.63
CA ILE C 72 -0.44 -11.82 -8.95
C ILE C 72 -1.77 -12.40 -8.47
N GLU C 73 -2.52 -12.98 -9.39
CA GLU C 73 -3.79 -13.61 -9.06
C GLU C 73 -3.55 -15.04 -8.62
N SER C 74 -2.80 -15.80 -9.41
CA SER C 74 -2.49 -17.20 -9.10
C SER C 74 -1.16 -17.65 -9.67
N ILE C 75 -0.62 -18.75 -9.13
CA ILE C 75 0.62 -19.36 -9.62
C ILE C 75 0.47 -20.87 -9.81
N ASP C 76 0.75 -21.33 -11.04
CA ASP C 76 0.92 -22.76 -11.31
C ASP C 76 2.42 -23.08 -11.28
N SER C 77 2.88 -23.65 -10.16
CA SER C 77 4.32 -23.95 -9.98
C SER C 77 4.85 -25.09 -10.86
N LYS C 78 3.98 -26.03 -11.23
CA LYS C 78 4.36 -27.12 -12.14
C LYS C 78 4.75 -26.54 -13.51
N GLU C 79 3.84 -25.75 -14.07
CA GLU C 79 4.07 -25.06 -15.34
C GLU C 79 4.94 -23.81 -15.17
N ARG C 80 5.06 -23.32 -13.94
CA ARG C 80 5.76 -22.07 -13.61
C ARG C 80 5.18 -20.87 -14.34
N ILE C 81 3.85 -20.81 -14.37
CA ILE C 81 3.14 -19.70 -14.99
C ILE C 81 2.53 -18.86 -13.88
N VAL C 82 2.70 -17.56 -14.00
CA VAL C 82 2.18 -16.57 -13.06
C VAL C 82 1.03 -15.84 -13.76
N TYR C 83 -0.14 -15.83 -13.15
CA TYR C 83 -1.31 -15.15 -13.69
C TYR C 83 -1.56 -13.88 -12.90
N PHE C 84 -2.01 -12.83 -13.59
CA PHE C 84 -2.23 -11.54 -12.97
C PHE C 84 -3.71 -11.17 -12.99
N LYS C 85 -4.07 -10.23 -12.12
CA LYS C 85 -5.46 -9.80 -11.94
C LYS C 85 -6.17 -9.38 -13.22
N ASN C 86 -5.40 -8.89 -14.18
CA ASN C 86 -5.92 -8.46 -15.46
C ASN C 86 -5.96 -9.58 -16.53
N LYS C 87 -5.78 -10.84 -16.09
CA LYS C 87 -5.83 -12.04 -16.95
C LYS C 87 -4.55 -12.32 -17.75
N GLU C 88 -3.56 -11.43 -17.69
CA GLU C 88 -2.30 -11.67 -18.40
C GLU C 88 -1.49 -12.67 -17.61
N HIS C 89 -0.42 -13.19 -18.21
CA HIS C 89 0.50 -14.05 -17.47
C HIS C 89 1.91 -13.91 -18.00
N CYS C 90 2.84 -14.43 -17.22
CA CYS C 90 4.23 -14.48 -17.63
C CYS C 90 4.80 -15.77 -17.10
N TYR C 91 6.10 -15.97 -17.32
CA TYR C 91 6.76 -17.21 -16.94
C TYR C 91 7.82 -16.95 -15.91
N ALA C 92 8.03 -17.94 -15.05
CA ALA C 92 9.01 -17.89 -14.00
C ALA C 92 10.07 -18.92 -14.27
N SER C 93 11.30 -18.59 -13.93
CA SER C 93 12.42 -19.50 -14.12
C SER C 93 12.40 -20.54 -13.00
N VAL C 94 12.98 -21.70 -13.28
CA VAL C 94 12.96 -22.84 -12.35
C VAL C 94 13.49 -22.47 -10.97
N ARG C 95 14.58 -21.71 -10.96
CA ARG C 95 15.27 -21.35 -9.73
C ARG C 95 14.49 -20.31 -8.89
N ASN C 96 13.74 -19.44 -9.55
CA ASN C 96 13.09 -18.28 -8.91
C ASN C 96 11.62 -18.48 -8.56
N VAL C 97 10.92 -19.36 -9.28
CA VAL C 97 9.47 -19.59 -9.12
C VAL C 97 8.99 -19.85 -7.68
N LYS C 98 9.72 -20.67 -6.94
CA LYS C 98 9.33 -21.03 -5.57
C LYS C 98 9.45 -19.84 -4.60
N LYS C 99 10.32 -18.90 -4.93
CA LYS C 99 10.62 -17.75 -4.09
C LYS C 99 9.73 -16.53 -4.35
N ILE C 100 8.81 -16.60 -5.32
CA ILE C 100 7.85 -15.52 -5.56
C ILE C 100 6.99 -15.30 -4.30
N SER D 1 -10.79 3.65 22.28
CA SER D 1 -10.13 4.85 22.90
C SER D 1 -8.63 4.90 22.59
N VAL D 2 -7.84 4.24 23.44
CA VAL D 2 -6.39 4.39 23.50
C VAL D 2 -5.76 3.40 22.52
N GLU D 3 -4.53 3.69 22.11
CA GLU D 3 -3.75 2.78 21.26
C GLU D 3 -2.55 2.18 21.99
N THR D 4 -2.60 0.86 22.13
CA THR D 4 -1.59 0.10 22.83
C THR D 4 -1.27 -1.14 22.06
N ILE D 5 -0.15 -1.73 22.43
CA ILE D 5 0.36 -2.93 21.79
C ILE D 5 0.60 -3.99 22.85
N GLU D 6 0.29 -5.24 22.49
CA GLU D 6 0.53 -6.40 23.34
C GLU D 6 1.87 -6.99 22.95
N LEU D 7 2.80 -7.04 23.89
CA LEU D 7 4.09 -7.71 23.66
C LEU D 7 4.08 -9.06 24.37
N LYS D 8 4.17 -10.14 23.61
CA LYS D 8 3.94 -11.48 24.14
C LYS D 8 5.27 -12.15 24.45
N ARG D 9 5.39 -12.76 25.63
CA ARG D 9 6.56 -13.57 25.97
C ARG D 9 6.08 -14.81 26.69
N GLY D 10 6.06 -15.91 25.95
CA GLY D 10 5.46 -17.15 26.42
C GLY D 10 4.06 -16.95 26.98
N SER D 11 3.88 -17.31 28.26
CA SER D 11 2.60 -17.13 28.97
C SER D 11 2.40 -15.68 29.46
N ASN D 12 3.42 -14.83 29.34
CA ASN D 12 3.26 -13.39 29.58
C ASN D 12 2.78 -12.62 28.36
N SER D 13 2.13 -11.50 28.65
CA SER D 13 2.03 -10.42 27.72
C SER D 13 2.21 -9.14 28.54
N VAL D 14 3.00 -8.20 28.02
CA VAL D 14 3.08 -6.87 28.61
C VAL D 14 2.43 -5.88 27.65
N TYR D 15 1.60 -4.99 28.22
CA TYR D 15 0.84 -4.04 27.43
C TYR D 15 1.46 -2.66 27.60
N VAL D 16 1.69 -2.00 26.47
CA VAL D 16 2.45 -0.75 26.40
C VAL D 16 1.80 0.18 25.37
N GLN D 17 1.80 1.49 25.64
CA GLN D 17 1.26 2.49 24.71
C GLN D 17 2.23 2.73 23.55
N TYR D 18 1.69 2.79 22.34
CA TYR D 18 2.49 3.05 21.13
C TYR D 18 3.64 4.02 21.40
N ASP D 19 3.31 5.21 21.87
CA ASP D 19 4.33 6.24 22.09
C ASP D 19 5.14 6.11 23.38
N ASP D 20 4.92 5.04 24.14
CA ASP D 20 5.86 4.64 25.22
C ASP D 20 7.11 4.00 24.60
N ILE D 21 6.99 3.59 23.34
CA ILE D 21 8.05 2.89 22.59
C ILE D 21 8.80 3.81 21.64
N MET D 22 10.13 3.82 21.78
CA MET D 22 11.02 4.62 20.94
C MET D 22 11.18 3.91 19.59
N PHE D 23 11.60 2.65 19.66
CA PHE D 23 11.80 1.83 18.47
C PHE D 23 11.89 0.35 18.82
N PHE D 24 11.82 -0.48 17.79
CA PHE D 24 12.03 -1.91 17.90
C PHE D 24 13.31 -2.26 17.18
N GLU D 25 14.03 -3.26 17.70
CA GLU D 25 15.15 -3.87 16.98
C GLU D 25 15.07 -5.38 17.07
N SER D 26 15.63 -6.08 16.09
CA SER D 26 15.73 -7.55 16.15
C SER D 26 16.68 -7.98 17.28
N SER D 27 16.30 -9.06 17.96
CA SER D 27 17.11 -9.62 19.04
C SER D 27 18.13 -10.58 18.42
N THR D 28 19.16 -10.91 19.21
CA THR D 28 20.07 -12.02 18.87
C THR D 28 19.34 -13.36 18.96
N LYS D 29 18.29 -13.44 19.76
CA LYS D 29 17.39 -14.58 19.80
C LYS D 29 16.44 -14.56 18.59
N SER D 30 16.49 -15.61 17.78
CA SER D 30 15.70 -15.69 16.55
C SER D 30 14.20 -15.56 16.81
N HIS D 31 13.52 -14.80 15.95
CA HIS D 31 12.07 -14.52 16.03
C HIS D 31 11.60 -13.62 17.19
N ARG D 32 12.54 -12.93 17.85
CA ARG D 32 12.23 -12.01 18.96
C ARG D 32 12.71 -10.64 18.59
N LEU D 33 11.98 -9.65 19.08
CA LEU D 33 12.33 -8.27 18.93
C LEU D 33 12.60 -7.70 20.30
N ILE D 34 13.22 -6.52 20.32
CA ILE D 34 13.43 -5.75 21.54
C ILE D 34 12.69 -4.43 21.33
N ALA D 35 11.67 -4.18 22.16
CA ALA D 35 11.03 -2.86 22.20
C ALA D 35 11.84 -1.97 23.13
N HIS D 36 12.31 -0.82 22.63
CA HIS D 36 13.01 0.13 23.47
C HIS D 36 12.04 1.17 23.97
N LEU D 37 11.73 1.08 25.26
CA LEU D 37 10.82 2.02 25.91
C LEU D 37 11.61 3.17 26.49
N ASP D 38 10.90 4.16 27.03
CA ASP D 38 11.48 5.33 27.70
C ASP D 38 12.66 4.99 28.61
N ASN D 39 12.44 4.06 29.55
CA ASN D 39 13.45 3.72 30.55
C ASN D 39 13.69 2.22 30.79
N ARG D 40 13.36 1.39 29.81
CA ARG D 40 13.68 -0.04 29.90
C ARG D 40 13.43 -0.73 28.56
N GLN D 41 14.09 -1.84 28.33
CA GLN D 41 13.93 -2.58 27.08
C GLN D 41 13.09 -3.81 27.36
N ILE D 42 12.28 -4.24 26.39
CA ILE D 42 11.47 -5.45 26.52
C ILE D 42 11.72 -6.36 25.32
N GLU D 43 12.06 -7.61 25.62
CA GLU D 43 12.23 -8.64 24.60
C GLU D 43 10.89 -9.35 24.40
N PHE D 44 10.51 -9.61 23.15
CA PHE D 44 9.24 -10.30 22.87
C PHE D 44 9.22 -10.93 21.47
N TYR D 45 8.28 -11.85 21.25
CA TYR D 45 8.09 -12.50 19.95
C TYR D 45 7.28 -11.60 19.02
N GLY D 46 7.85 -11.32 17.85
CA GLY D 46 7.14 -10.57 16.81
C GLY D 46 8.00 -10.44 15.57
N ASN D 47 7.46 -9.82 14.53
CA ASN D 47 8.21 -9.53 13.31
C ASN D 47 8.11 -8.04 12.93
N LEU D 48 9.21 -7.49 12.43
CA LEU D 48 9.30 -6.06 12.13
C LEU D 48 8.31 -5.64 11.04
N LYS D 49 8.11 -6.49 10.05
CA LYS D 49 7.19 -6.19 8.95
C LYS D 49 5.80 -5.87 9.47
N GLU D 50 5.26 -6.79 10.28
CA GLU D 50 3.92 -6.65 10.85
C GLU D 50 3.77 -5.39 11.69
N LEU D 51 4.79 -5.09 12.48
CA LEU D 51 4.81 -3.88 13.30
C LEU D 51 4.81 -2.61 12.47
N SER D 52 5.61 -2.58 11.41
CA SER D 52 5.65 -1.41 10.51
C SER D 52 4.30 -1.15 9.83
N GLN D 53 3.55 -2.24 9.60
CA GLN D 53 2.22 -2.18 9.00
C GLN D 53 1.14 -1.71 9.98
N LEU D 54 1.40 -1.80 11.28
CA LEU D 54 0.43 -1.37 12.31
C LEU D 54 -0.04 0.07 12.18
N ASP D 55 0.91 0.97 11.93
CA ASP D 55 0.64 2.39 11.95
C ASP D 55 1.66 3.14 11.09
N ASP D 56 1.24 4.26 10.52
CA ASP D 56 2.13 5.08 9.69
C ASP D 56 3.34 5.58 10.48
N ARG D 57 3.18 5.75 11.80
CA ARG D 57 4.28 6.23 12.65
C ARG D 57 5.41 5.20 12.80
N PHE D 58 5.08 3.93 12.64
CA PHE D 58 6.09 2.86 12.72
C PHE D 58 6.65 2.65 11.33
N PHE D 59 7.90 3.10 11.16
CA PHE D 59 8.57 3.11 9.88
C PHE D 59 9.82 2.25 9.92
N ARG D 60 9.99 1.43 8.89
CA ARG D 60 11.13 0.55 8.76
C ARG D 60 12.32 1.35 8.22
N CYS D 61 13.09 1.95 9.13
CA CYS D 61 14.21 2.80 8.75
C CYS D 61 15.45 1.99 8.36
N HIS D 62 15.41 0.68 8.57
CA HIS D 62 16.58 -0.19 8.47
C HIS D 62 16.17 -1.66 8.64
N ASN D 63 16.82 -2.58 7.94
CA ASN D 63 16.40 -3.99 7.95
C ASN D 63 16.12 -4.54 9.35
N SER D 64 16.95 -4.14 10.29
CA SER D 64 16.88 -4.48 11.69
C SER D 64 16.15 -3.52 12.65
N PHE D 65 15.54 -2.43 12.16
CA PHE D 65 14.90 -1.44 13.05
C PHE D 65 13.56 -0.93 12.52
N VAL D 66 12.55 -0.87 13.40
CA VAL D 66 11.34 -0.11 13.12
C VAL D 66 11.24 0.99 14.15
N VAL D 67 11.19 2.23 13.69
CA VAL D 67 11.24 3.40 14.57
C VAL D 67 9.86 4.03 14.73
N ASN D 68 9.58 4.50 15.94
CA ASN D 68 8.37 5.27 16.20
C ASN D 68 8.67 6.73 15.88
N ARG D 69 8.14 7.18 14.75
CA ARG D 69 8.31 8.57 14.31
C ARG D 69 7.97 9.60 15.39
N HIS D 70 6.94 9.31 16.19
CA HIS D 70 6.50 10.21 17.26
C HIS D 70 7.58 10.50 18.31
N ASN D 71 8.55 9.61 18.49
CA ASN D 71 9.58 9.81 19.51
C ASN D 71 10.97 10.17 18.97
N ILE D 72 11.06 10.45 17.67
CA ILE D 72 12.32 10.90 17.10
C ILE D 72 12.57 12.34 17.54
N GLU D 73 13.71 12.58 18.18
CA GLU D 73 14.13 13.90 18.63
C GLU D 73 14.82 14.63 17.49
N SER D 74 15.83 13.98 16.89
CA SER D 74 16.60 14.58 15.79
C SER D 74 17.15 13.52 14.85
N ILE D 75 17.53 13.96 13.64
CA ILE D 75 18.15 13.08 12.64
C ILE D 75 19.40 13.72 12.04
N ASP D 76 20.52 13.03 12.12
CA ASP D 76 21.72 13.38 11.37
C ASP D 76 21.74 12.52 10.11
N SER D 77 21.33 13.09 8.97
CA SER D 77 21.28 12.36 7.70
C SER D 77 22.65 11.98 7.11
N LYS D 78 23.70 12.75 7.41
CA LYS D 78 25.05 12.43 6.96
C LYS D 78 25.51 11.11 7.60
N GLU D 79 25.41 11.05 8.92
CA GLU D 79 25.75 9.84 9.69
C GLU D 79 24.63 8.80 9.66
N ARG D 80 23.42 9.22 9.27
CA ARG D 80 22.22 8.39 9.28
C ARG D 80 21.92 7.83 10.67
N ILE D 81 22.03 8.69 11.69
CA ILE D 81 21.68 8.34 13.06
C ILE D 81 20.41 9.05 13.45
N VAL D 82 19.52 8.29 14.07
CA VAL D 82 18.24 8.78 14.53
C VAL D 82 18.32 8.81 16.04
N TYR D 83 18.04 9.98 16.62
CA TYR D 83 18.03 10.14 18.06
C TYR D 83 16.61 10.24 18.57
N PHE D 84 16.36 9.68 19.75
CA PHE D 84 15.03 9.63 20.32
C PHE D 84 14.95 10.46 21.59
N LYS D 85 13.73 10.80 21.96
CA LYS D 85 13.45 11.68 23.13
C LYS D 85 14.08 11.23 24.43
N ASN D 86 14.27 9.92 24.57
CA ASN D 86 14.90 9.36 25.76
C ASN D 86 16.44 9.28 25.65
N LYS D 87 17.03 9.94 24.66
CA LYS D 87 18.49 9.98 24.44
C LYS D 87 19.09 8.77 23.73
N GLU D 88 18.28 7.74 23.45
CA GLU D 88 18.79 6.56 22.72
C GLU D 88 18.90 6.91 21.26
N HIS D 89 19.56 6.06 20.48
CA HIS D 89 19.59 6.24 19.03
C HIS D 89 19.66 4.90 18.32
N CYS D 90 19.39 4.93 17.03
CA CYS D 90 19.55 3.77 16.17
C CYS D 90 20.09 4.26 14.84
N TYR D 91 20.25 3.33 13.90
CA TYR D 91 20.80 3.64 12.60
C TYR D 91 19.77 3.41 11.52
N ALA D 92 19.91 4.21 10.45
CA ALA D 92 19.03 4.13 9.31
C ALA D 92 19.86 3.70 8.12
N SER D 93 19.24 2.92 7.25
CA SER D 93 19.90 2.46 6.05
C SER D 93 19.92 3.60 5.04
N VAL D 94 20.89 3.54 4.13
CA VAL D 94 21.08 4.58 3.12
C VAL D 94 19.80 4.87 2.32
N ARG D 95 19.10 3.80 1.91
CA ARG D 95 17.89 3.90 1.08
C ARG D 95 16.67 4.46 1.80
N ASN D 96 16.59 4.22 3.11
CA ASN D 96 15.40 4.55 3.90
C ASN D 96 15.48 5.84 4.70
N VAL D 97 16.70 6.26 5.05
CA VAL D 97 16.93 7.45 5.91
C VAL D 97 16.20 8.72 5.50
N LYS D 98 16.20 9.04 4.21
CA LYS D 98 15.57 10.27 3.71
C LYS D 98 14.05 10.23 3.81
N LYS D 99 13.48 9.03 3.80
CA LYS D 99 12.04 8.83 3.79
C LYS D 99 11.41 8.76 5.19
N ILE D 100 12.23 8.87 6.23
CA ILE D 100 11.71 8.88 7.61
C ILE D 100 10.75 10.07 7.80
#